data_1KZD
#
_entry.id   1KZD
#
_cell.length_a   60.650
_cell.length_b   75.050
_cell.length_c   57.350
_cell.angle_alpha   90.00
_cell.angle_beta   90.00
_cell.angle_gamma   90.00
#
_symmetry.space_group_name_H-M   'P 21 21 21'
#
loop_
_entity.id
_entity.type
_entity.pdbx_description
1 polymer 'MANNOSE-BINDING PROTEIN C'
2 non-polymer 2-acetamido-2-deoxy-beta-D-glucopyranose
3 non-polymer 'CALCIUM ION'
4 water water
#
_entity_poly.entity_id   1
_entity_poly.type   'polypeptide(L)'
_entity_poly.pdbx_seq_one_letter_code
;NVGKKYFMSSVRRMPLNRAKALCSELQGTVATPRNAEENRAIQNVAKDVAFLGITDQRTENVFEDLTGNRVRYTNWNEGE
PNNVGSGENCVVLLTNGKWNDVPCSDSFLVVCEFS
;
_entity_poly.pdbx_strand_id   1,2
#
# COMPACT_ATOMS: atom_id res chain seq x y z
N LYS A 5 8.39 -11.85 -0.06
CA LYS A 5 8.49 -10.39 0.24
C LYS A 5 8.27 -9.57 -1.05
N TYR A 6 7.32 -8.64 -1.00
CA TYR A 6 6.99 -7.80 -2.15
C TYR A 6 7.27 -6.34 -1.83
N PHE A 7 7.87 -5.61 -2.77
CA PHE A 7 8.20 -4.21 -2.56
C PHE A 7 7.39 -3.28 -3.48
N MET A 8 6.81 -2.23 -2.90
CA MET A 8 6.03 -1.24 -3.65
C MET A 8 6.52 0.15 -3.27
N SER A 9 6.65 1.03 -4.25
CA SER A 9 7.11 2.39 -4.00
C SER A 9 6.00 3.42 -4.07
N SER A 10 6.11 4.48 -3.27
CA SER A 10 5.12 5.54 -3.28
C SER A 10 5.44 6.42 -4.48
N VAL A 11 4.53 7.32 -4.81
CA VAL A 11 4.75 8.23 -5.94
C VAL A 11 5.14 9.59 -5.38
N ARG A 12 4.65 9.86 -4.18
CA ARG A 12 4.91 11.13 -3.52
C ARG A 12 5.94 10.98 -2.42
N ARG A 13 6.48 12.12 -1.98
CA ARG A 13 7.48 12.17 -0.92
C ARG A 13 6.81 12.56 0.40
N MET A 14 7.38 12.07 1.51
CA MET A 14 6.84 12.36 2.84
C MET A 14 7.88 12.00 3.90
N PRO A 15 7.74 12.55 5.13
CA PRO A 15 8.69 12.25 6.20
C PRO A 15 8.50 10.80 6.64
N LEU A 16 9.39 10.32 7.51
CA LEU A 16 9.30 8.93 7.94
C LEU A 16 8.00 8.56 8.66
N ASN A 17 7.50 9.45 9.52
CA ASN A 17 6.27 9.16 10.25
C ASN A 17 5.11 8.88 9.29
N ARG A 18 5.01 9.68 8.24
CA ARG A 18 3.94 9.51 7.25
C ARG A 18 4.24 8.25 6.43
N ALA A 19 5.52 7.99 6.16
CA ALA A 19 5.93 6.83 5.40
C ALA A 19 5.52 5.56 6.16
N LYS A 20 5.82 5.52 7.45
CA LYS A 20 5.46 4.39 8.28
C LYS A 20 3.95 4.19 8.29
N ALA A 21 3.21 5.29 8.38
CA ALA A 21 1.75 5.22 8.40
C ALA A 21 1.22 4.64 7.09
N LEU A 22 1.82 5.02 5.97
CA LEU A 22 1.38 4.52 4.68
C LEU A 22 1.56 3.00 4.55
N CYS A 23 2.77 2.51 4.80
CA CYS A 23 3.03 1.08 4.70
C CYS A 23 2.17 0.31 5.71
N SER A 24 2.06 0.86 6.91
CA SER A 24 1.27 0.24 7.97
C SER A 24 -0.21 0.17 7.63
N GLU A 25 -0.70 1.14 6.87
CA GLU A 25 -2.11 1.18 6.48
C GLU A 25 -2.51 -0.08 5.71
N LEU A 26 -1.59 -0.58 4.90
CA LEU A 26 -1.86 -1.80 4.13
C LEU A 26 -1.19 -3.01 4.79
N GLN A 27 -0.92 -2.88 6.08
CA GLN A 27 -0.33 -3.96 6.89
C GLN A 27 1.05 -4.44 6.47
N GLY A 28 1.87 -3.50 6.03
CA GLY A 28 3.23 -3.81 5.64
C GLY A 28 4.10 -2.90 6.49
N THR A 29 5.38 -2.76 6.12
CA THR A 29 6.28 -1.89 6.86
C THR A 29 7.23 -1.24 5.85
N VAL A 30 7.98 -0.24 6.29
CA VAL A 30 8.92 0.42 5.38
C VAL A 30 9.97 -0.64 5.04
N ALA A 31 10.32 -0.76 3.77
CA ALA A 31 11.27 -1.78 3.32
C ALA A 31 12.64 -1.76 4.01
N THR A 32 13.09 -2.95 4.41
CA THR A 32 14.39 -3.13 5.06
C THR A 32 15.15 -4.23 4.32
N PRO A 33 16.13 -3.87 3.49
CA PRO A 33 16.88 -4.90 2.77
C PRO A 33 17.73 -5.73 3.74
N ARG A 34 17.64 -7.06 3.61
CA ARG A 34 18.37 -7.96 4.48
C ARG A 34 19.61 -8.51 3.78
N ASN A 35 19.74 -8.21 2.50
CA ASN A 35 20.88 -8.65 1.70
C ASN A 35 20.94 -7.84 0.41
N ALA A 36 22.00 -8.05 -0.37
CA ALA A 36 22.21 -7.32 -1.63
C ALA A 36 21.09 -7.52 -2.64
N GLU A 37 20.50 -8.71 -2.65
CA GLU A 37 19.43 -9.02 -3.58
C GLU A 37 18.20 -8.15 -3.27
N GLU A 38 17.79 -8.09 -2.01
CA GLU A 38 16.64 -7.26 -1.64
C GLU A 38 16.99 -5.78 -1.82
N ASN A 39 18.25 -5.41 -1.59
CA ASN A 39 18.64 -4.00 -1.74
C ASN A 39 18.40 -3.55 -3.18
N ARG A 40 18.80 -4.41 -4.12
CA ARG A 40 18.64 -4.12 -5.55
C ARG A 40 17.17 -4.07 -5.94
N ALA A 41 16.39 -5.02 -5.44
CA ALA A 41 14.96 -5.06 -5.74
C ALA A 41 14.29 -3.77 -5.28
N ILE A 42 14.66 -3.31 -4.10
CA ILE A 42 14.09 -2.08 -3.56
C ILE A 42 14.54 -0.89 -4.40
N GLN A 43 15.82 -0.86 -4.75
CA GLN A 43 16.37 0.23 -5.54
C GLN A 43 15.59 0.33 -6.85
N ASN A 44 15.31 -0.82 -7.45
CA ASN A 44 14.58 -0.89 -8.71
C ASN A 44 13.13 -0.39 -8.66
N VAL A 45 12.42 -0.62 -7.56
CA VAL A 45 11.04 -0.14 -7.49
C VAL A 45 11.03 1.35 -7.18
N ALA A 46 12.09 1.82 -6.53
CA ALA A 46 12.20 3.23 -6.17
C ALA A 46 12.84 4.01 -7.33
N LYS A 47 12.13 4.99 -7.86
CA LYS A 47 12.65 5.78 -8.97
C LYS A 47 13.48 7.00 -8.52
N ASP A 48 13.57 7.17 -7.21
CA ASP A 48 14.33 8.28 -6.63
C ASP A 48 14.73 7.86 -5.22
N VAL A 49 15.48 8.70 -4.54
CA VAL A 49 15.92 8.42 -3.16
C VAL A 49 14.70 8.07 -2.30
N ALA A 50 14.76 6.97 -1.57
CA ALA A 50 13.64 6.54 -0.74
C ALA A 50 14.03 6.03 0.64
N PHE A 51 13.11 6.21 1.60
CA PHE A 51 13.31 5.76 2.97
C PHE A 51 13.33 4.23 3.10
N LEU A 52 14.15 3.75 4.05
CA LEU A 52 14.23 2.33 4.37
C LEU A 52 13.69 2.24 5.81
N GLY A 53 13.28 1.06 6.23
CA GLY A 53 12.76 0.90 7.58
C GLY A 53 13.88 0.63 8.57
N ILE A 54 14.81 1.57 8.65
CA ILE A 54 15.99 1.47 9.53
C ILE A 54 16.27 2.82 10.20
N THR A 55 16.52 2.80 11.51
CA THR A 55 16.82 4.03 12.23
C THR A 55 17.76 3.79 13.41
N ASP A 56 18.39 4.86 13.89
CA ASP A 56 19.22 4.74 15.09
C ASP A 56 18.66 5.75 16.08
N GLN A 57 17.33 5.85 16.10
CA GLN A 57 16.66 6.78 17.01
C GLN A 57 16.77 6.39 18.48
N ARG A 58 16.68 5.09 18.77
CA ARG A 58 16.78 4.64 20.16
C ARG A 58 18.19 4.80 20.71
N THR A 59 19.18 4.33 19.95
CA THR A 59 20.58 4.45 20.34
C THR A 59 21.41 4.92 19.15
N GLU A 60 22.12 6.02 19.31
CA GLU A 60 22.93 6.56 18.22
C GLU A 60 23.99 5.58 17.71
N ASN A 61 24.05 5.47 16.38
CA ASN A 61 24.95 4.58 15.65
C ASN A 61 24.59 3.10 15.80
N VAL A 62 23.44 2.83 16.41
CA VAL A 62 22.96 1.45 16.54
C VAL A 62 21.74 1.40 15.63
N PHE A 63 21.93 0.90 14.42
CA PHE A 63 20.83 0.82 13.46
C PHE A 63 20.01 -0.44 13.54
N GLU A 64 18.70 -0.26 13.70
CA GLU A 64 17.77 -1.37 13.81
C GLU A 64 16.56 -1.11 12.93
N ASP A 65 15.78 -2.14 12.66
CA ASP A 65 14.58 -1.97 11.84
C ASP A 65 13.46 -1.41 12.70
N LEU A 66 12.31 -1.15 12.09
CA LEU A 66 11.21 -0.56 12.84
C LEU A 66 10.61 -1.44 13.95
N THR A 67 11.07 -2.68 14.04
CA THR A 67 10.58 -3.58 15.09
C THR A 67 11.65 -3.80 16.15
N GLY A 68 12.72 -3.00 16.10
CA GLY A 68 13.78 -3.11 17.09
C GLY A 68 14.91 -4.10 16.84
N ASN A 69 14.85 -4.83 15.73
CA ASN A 69 15.89 -5.81 15.41
C ASN A 69 17.08 -5.14 14.74
N ARG A 70 18.23 -5.19 15.40
CA ARG A 70 19.44 -4.59 14.84
C ARG A 70 19.72 -5.16 13.45
N VAL A 71 20.04 -4.29 12.49
CA VAL A 71 20.30 -4.76 11.14
C VAL A 71 21.69 -5.37 11.06
N ARG A 72 21.84 -6.37 10.20
CA ARG A 72 23.12 -7.02 10.02
C ARG A 72 23.71 -6.55 8.70
N TYR A 73 23.00 -6.76 7.60
CA TYR A 73 23.48 -6.30 6.31
C TYR A 73 23.32 -4.78 6.21
N THR A 74 24.36 -4.11 5.71
CA THR A 74 24.31 -2.67 5.51
C THR A 74 24.97 -2.39 4.17
N ASN A 75 24.73 -1.20 3.62
CA ASN A 75 25.31 -0.83 2.34
C ASN A 75 25.53 0.68 2.31
N TRP A 76 26.15 1.18 3.37
CA TRP A 76 26.43 2.60 3.52
C TRP A 76 27.27 3.22 2.41
N ASN A 77 26.88 4.41 1.98
CA ASN A 77 27.62 5.15 0.96
C ASN A 77 28.93 5.54 1.65
N GLU A 78 30.00 5.72 0.88
CA GLU A 78 31.27 6.10 1.48
C GLU A 78 31.11 7.39 2.30
N GLY A 79 31.54 7.35 3.56
CA GLY A 79 31.44 8.51 4.43
C GLY A 79 30.21 8.52 5.31
N GLU A 80 29.37 7.49 5.16
CA GLU A 80 28.13 7.37 5.94
C GLU A 80 28.20 6.14 6.82
N PRO A 81 27.40 6.10 7.91
CA PRO A 81 26.48 7.18 8.31
C PRO A 81 27.29 8.22 9.08
N ASN A 82 27.01 9.50 8.84
CA ASN A 82 27.75 10.57 9.51
C ASN A 82 26.98 11.42 10.51
N ASN A 83 25.68 11.17 10.66
CA ASN A 83 24.87 11.91 11.64
C ASN A 83 25.18 13.40 11.63
N VAL A 84 25.25 14.02 10.45
CA VAL A 84 25.60 15.44 10.41
C VAL A 84 24.51 16.44 10.81
N GLY A 85 24.92 17.71 10.90
CA GLY A 85 24.00 18.76 11.28
C GLY A 85 23.56 18.55 12.71
N SER A 86 22.26 18.66 12.96
CA SER A 86 21.72 18.46 14.30
C SER A 86 21.41 16.99 14.54
N GLY A 87 21.80 16.15 13.59
CA GLY A 87 21.55 14.73 13.72
C GLY A 87 20.76 14.14 12.57
N GLU A 88 21.05 12.89 12.24
CA GLU A 88 20.37 12.18 11.17
C GLU A 88 20.16 10.76 11.70
N ASN A 89 18.91 10.43 11.98
CA ASN A 89 18.60 9.12 12.54
C ASN A 89 17.75 8.19 11.68
N CYS A 90 17.49 8.61 10.44
CA CYS A 90 16.76 7.78 9.51
C CYS A 90 17.67 7.41 8.36
N VAL A 91 17.22 6.50 7.50
CA VAL A 91 18.04 6.05 6.40
C VAL A 91 17.33 6.02 5.06
N VAL A 92 18.01 6.47 4.01
CA VAL A 92 17.42 6.44 2.68
C VAL A 92 18.34 5.66 1.76
N LEU A 93 17.75 5.09 0.72
CA LEU A 93 18.50 4.34 -0.26
C LEU A 93 18.70 5.30 -1.44
N LEU A 94 19.95 5.60 -1.76
CA LEU A 94 20.30 6.51 -2.85
C LEU A 94 20.03 5.86 -4.21
N THR A 95 20.07 6.67 -5.28
CA THR A 95 19.82 6.17 -6.62
C THR A 95 20.86 5.18 -7.16
N ASN A 96 21.97 5.05 -6.45
CA ASN A 96 23.00 4.10 -6.84
C ASN A 96 22.96 2.87 -5.94
N GLY A 97 21.94 2.81 -5.07
CA GLY A 97 21.80 1.67 -4.18
C GLY A 97 22.49 1.74 -2.82
N LYS A 98 23.30 2.76 -2.60
CA LYS A 98 23.98 2.92 -1.32
C LYS A 98 23.07 3.65 -0.35
N TRP A 99 23.40 3.57 0.93
CA TRP A 99 22.59 4.21 1.98
C TRP A 99 23.21 5.48 2.55
N ASN A 100 22.35 6.36 3.05
CA ASN A 100 22.80 7.59 3.71
C ASN A 100 21.83 7.86 4.84
N ASP A 101 22.36 8.22 6.00
CA ASP A 101 21.48 8.55 7.10
C ASP A 101 21.05 9.99 6.89
N VAL A 102 19.77 10.26 7.15
CA VAL A 102 19.22 11.60 6.96
C VAL A 102 18.27 11.94 8.10
N PRO A 103 17.85 13.21 8.21
CA PRO A 103 16.92 13.61 9.28
C PRO A 103 15.57 12.94 9.02
N CYS A 104 14.98 12.36 10.05
CA CYS A 104 13.70 11.68 9.88
C CYS A 104 12.59 12.63 9.49
N SER A 105 12.82 13.93 9.73
CA SER A 105 11.83 14.95 9.41
C SER A 105 11.86 15.40 7.95
N ASP A 106 12.88 14.96 7.21
CA ASP A 106 12.97 15.31 5.80
C ASP A 106 12.06 14.40 4.97
N SER A 107 11.69 14.84 3.77
CA SER A 107 10.80 14.07 2.91
C SER A 107 11.47 13.35 1.75
N PHE A 108 11.12 12.09 1.58
CA PHE A 108 11.66 11.26 0.51
C PHE A 108 10.56 10.30 0.09
N LEU A 109 10.79 9.56 -0.98
CA LEU A 109 9.80 8.58 -1.41
C LEU A 109 9.89 7.49 -0.35
N VAL A 110 8.96 6.54 -0.41
CA VAL A 110 8.96 5.44 0.54
C VAL A 110 8.74 4.15 -0.22
N VAL A 111 9.48 3.11 0.16
CA VAL A 111 9.30 1.80 -0.45
C VAL A 111 8.78 0.95 0.70
N CYS A 112 7.61 0.35 0.50
CA CYS A 112 6.98 -0.49 1.51
C CYS A 112 7.24 -1.95 1.18
N GLU A 113 7.34 -2.80 2.20
CA GLU A 113 7.57 -4.21 1.97
C GLU A 113 6.43 -5.01 2.60
N PHE A 114 5.98 -6.03 1.87
CA PHE A 114 4.89 -6.89 2.32
C PHE A 114 5.31 -8.34 2.11
N SER A 115 4.76 -9.24 2.92
CA SER A 115 5.09 -10.65 2.79
C SER A 115 3.79 -11.44 2.72
N LYS B 5 -0.98 -11.28 -9.41
CA LYS B 5 -1.65 -10.24 -8.56
C LYS B 5 -1.50 -10.50 -7.08
N TYR B 6 -1.28 -9.42 -6.32
CA TYR B 6 -1.14 -9.50 -4.87
C TYR B 6 -2.22 -8.60 -4.28
N PHE B 7 -2.86 -9.06 -3.21
CA PHE B 7 -3.91 -8.28 -2.57
C PHE B 7 -3.56 -7.95 -1.12
N MET B 8 -3.82 -6.70 -0.74
CA MET B 8 -3.56 -6.25 0.62
C MET B 8 -4.76 -5.46 1.10
N SER B 9 -5.12 -5.64 2.36
CA SER B 9 -6.25 -4.95 2.96
C SER B 9 -5.80 -3.79 3.82
N SER B 10 -6.60 -2.74 3.84
CA SER B 10 -6.31 -1.57 4.65
C SER B 10 -6.76 -1.90 6.06
N VAL B 11 -6.40 -1.04 7.00
CA VAL B 11 -6.78 -1.23 8.40
C VAL B 11 -7.95 -0.31 8.74
N ARG B 12 -8.00 0.86 8.12
CA ARG B 12 -9.08 1.81 8.40
C ARG B 12 -10.12 1.79 7.28
N ARG B 13 -11.29 2.36 7.56
CA ARG B 13 -12.39 2.44 6.61
C ARG B 13 -12.39 3.83 5.98
N MET B 14 -12.80 3.92 4.73
CA MET B 14 -12.81 5.19 4.00
C MET B 14 -13.71 5.10 2.77
N PRO B 15 -14.14 6.25 2.23
CA PRO B 15 -15.00 6.27 1.03
C PRO B 15 -14.18 5.87 -0.18
N LEU B 16 -14.85 5.57 -1.29
CA LEU B 16 -14.14 5.11 -2.48
C LEU B 16 -13.03 6.02 -3.01
N ASN B 17 -13.27 7.33 -3.04
CA ASN B 17 -12.25 8.25 -3.55
C ASN B 17 -10.97 8.14 -2.73
N ARG B 18 -11.10 8.01 -1.42
CA ARG B 18 -9.95 7.87 -0.54
C ARG B 18 -9.29 6.50 -0.72
N ALA B 19 -10.13 5.50 -1.01
CA ALA B 19 -9.65 4.14 -1.21
C ALA B 19 -8.79 4.09 -2.47
N LYS B 20 -9.25 4.78 -3.51
CA LYS B 20 -8.52 4.85 -4.77
C LYS B 20 -7.19 5.55 -4.56
N ALA B 21 -7.19 6.63 -3.77
CA ALA B 21 -5.98 7.38 -3.51
C ALA B 21 -4.94 6.55 -2.74
N LEU B 22 -5.42 5.76 -1.78
CA LEU B 22 -4.52 4.91 -1.00
C LEU B 22 -3.82 3.89 -1.90
N CYS B 23 -4.60 3.14 -2.67
CA CYS B 23 -4.03 2.12 -3.55
C CYS B 23 -3.12 2.73 -4.62
N SER B 24 -3.49 3.88 -5.16
CA SER B 24 -2.69 4.50 -6.19
C SER B 24 -1.42 5.12 -5.60
N GLU B 25 -1.41 5.39 -4.30
CA GLU B 25 -0.22 5.97 -3.67
C GLU B 25 0.95 4.98 -3.78
N LEU B 26 0.63 3.70 -3.75
CA LEU B 26 1.65 2.66 -3.89
C LEU B 26 1.58 2.02 -5.29
N GLN B 27 1.02 2.79 -6.22
CA GLN B 27 0.90 2.38 -7.62
C GLN B 27 0.10 1.11 -7.88
N GLY B 28 -0.94 0.91 -7.09
CA GLY B 28 -1.81 -0.24 -7.28
C GLY B 28 -3.18 0.30 -7.58
N THR B 29 -4.21 -0.53 -7.54
CA THR B 29 -5.57 -0.06 -7.78
C THR B 29 -6.49 -0.80 -6.82
N VAL B 30 -7.74 -0.37 -6.72
CA VAL B 30 -8.68 -1.05 -5.83
C VAL B 30 -8.96 -2.42 -6.45
N ALA B 31 -8.85 -3.46 -5.64
CA ALA B 31 -9.03 -4.83 -6.09
C ALA B 31 -10.28 -5.09 -6.91
N THR B 32 -10.10 -5.71 -8.06
CA THR B 32 -11.19 -6.08 -8.96
C THR B 32 -11.04 -7.57 -9.30
N PRO B 33 -11.80 -8.45 -8.63
CA PRO B 33 -11.67 -9.88 -8.93
C PRO B 33 -12.17 -10.19 -10.33
N ARG B 34 -11.40 -11.00 -11.07
CA ARG B 34 -11.76 -11.36 -12.44
C ARG B 34 -12.31 -12.77 -12.56
N ASN B 35 -12.32 -13.48 -11.43
CA ASN B 35 -12.82 -14.84 -11.35
C ASN B 35 -13.00 -15.21 -9.88
N ALA B 36 -13.53 -16.41 -9.61
CA ALA B 36 -13.77 -16.85 -8.24
C ALA B 36 -12.51 -17.05 -7.42
N GLU B 37 -11.41 -17.42 -8.08
CA GLU B 37 -10.15 -17.64 -7.38
C GLU B 37 -9.68 -16.31 -6.77
N GLU B 38 -9.68 -15.25 -7.58
CA GLU B 38 -9.28 -13.94 -7.09
C GLU B 38 -10.29 -13.43 -6.06
N ASN B 39 -11.56 -13.78 -6.23
CA ASN B 39 -12.59 -13.32 -5.30
C ASN B 39 -12.27 -13.92 -3.93
N ARG B 40 -11.93 -15.20 -3.92
CA ARG B 40 -11.58 -15.91 -2.68
C ARG B 40 -10.29 -15.36 -2.09
N ALA B 41 -9.33 -14.99 -2.95
CA ALA B 41 -8.07 -14.46 -2.49
C ALA B 41 -8.29 -13.12 -1.78
N ILE B 42 -9.25 -12.35 -2.27
CA ILE B 42 -9.56 -11.05 -1.67
C ILE B 42 -10.24 -11.31 -0.32
N GLN B 43 -11.10 -12.33 -0.29
CA GLN B 43 -11.79 -12.72 0.94
C GLN B 43 -10.77 -13.03 2.02
N ASN B 44 -9.74 -13.78 1.64
CA ASN B 44 -8.69 -14.16 2.58
C ASN B 44 -8.09 -12.96 3.32
N VAL B 45 -7.91 -11.83 2.63
CA VAL B 45 -7.30 -10.66 3.27
C VAL B 45 -8.26 -9.67 3.89
N ALA B 46 -9.49 -9.63 3.38
CA ALA B 46 -10.51 -8.72 3.90
C ALA B 46 -11.16 -9.31 5.14
N LYS B 47 -10.87 -8.75 6.31
CA LYS B 47 -11.44 -9.24 7.56
C LYS B 47 -12.84 -8.71 7.80
N ASP B 48 -13.26 -7.76 6.98
CA ASP B 48 -14.59 -7.17 7.09
C ASP B 48 -15.00 -6.67 5.70
N VAL B 49 -16.25 -6.21 5.57
CA VAL B 49 -16.74 -5.69 4.29
C VAL B 49 -15.73 -4.72 3.69
N ALA B 50 -15.40 -4.90 2.42
CA ALA B 50 -14.42 -4.04 1.78
C ALA B 50 -14.77 -3.65 0.35
N PHE B 51 -14.29 -2.48 -0.05
CA PHE B 51 -14.54 -1.97 -1.39
C PHE B 51 -13.78 -2.77 -2.46
N LEU B 52 -14.41 -2.88 -3.63
CA LEU B 52 -13.82 -3.53 -4.80
C LEU B 52 -13.74 -2.39 -5.82
N GLY B 53 -12.84 -2.50 -6.80
CA GLY B 53 -12.69 -1.44 -7.78
C GLY B 53 -13.69 -1.52 -8.93
N ILE B 54 -14.98 -1.47 -8.59
CA ILE B 54 -16.04 -1.57 -9.58
C ILE B 54 -17.15 -0.54 -9.29
N THR B 55 -17.71 0.07 -10.34
CA THR B 55 -18.77 1.05 -10.16
C THR B 55 -19.69 1.09 -11.38
N ASP B 56 -20.90 1.58 -11.18
CA ASP B 56 -21.83 1.74 -12.30
C ASP B 56 -22.14 3.22 -12.34
N GLN B 57 -21.10 4.02 -12.09
CA GLN B 57 -21.17 5.47 -12.09
C GLN B 57 -21.52 6.04 -13.47
N ARG B 58 -20.89 5.51 -14.51
CA ARG B 58 -21.14 5.99 -15.87
C ARG B 58 -22.60 5.79 -16.28
N THR B 59 -23.03 4.54 -16.34
CA THR B 59 -24.40 4.20 -16.69
C THR B 59 -24.93 3.24 -15.64
N GLU B 60 -26.06 3.60 -15.03
CA GLU B 60 -26.65 2.75 -14.01
C GLU B 60 -26.81 1.31 -14.49
N ASN B 61 -26.40 0.37 -13.63
CA ASN B 61 -26.49 -1.07 -13.89
C ASN B 61 -25.49 -1.59 -14.93
N VAL B 62 -24.53 -0.76 -15.30
CA VAL B 62 -23.47 -1.18 -16.22
C VAL B 62 -22.24 -1.04 -15.33
N PHE B 63 -21.70 -2.16 -14.86
CA PHE B 63 -20.55 -2.08 -13.97
C PHE B 63 -19.21 -2.21 -14.67
N GLU B 64 -18.33 -1.26 -14.34
CA GLU B 64 -17.01 -1.19 -14.94
C GLU B 64 -15.97 -1.11 -13.84
N ASP B 65 -14.74 -1.49 -14.15
CA ASP B 65 -13.65 -1.38 -13.18
C ASP B 65 -13.26 0.09 -13.16
N LEU B 66 -12.33 0.47 -12.29
CA LEU B 66 -11.96 1.87 -12.19
C LEU B 66 -11.37 2.50 -13.45
N THR B 67 -10.91 1.69 -14.39
CA THR B 67 -10.38 2.23 -15.65
C THR B 67 -11.47 2.29 -16.72
N GLY B 68 -12.74 2.18 -16.31
CA GLY B 68 -13.84 2.25 -17.25
C GLY B 68 -14.00 1.02 -18.13
N ASN B 69 -13.44 -0.10 -17.68
CA ASN B 69 -13.51 -1.35 -18.42
C ASN B 69 -14.66 -2.20 -17.88
N ARG B 70 -15.68 -2.44 -18.70
CA ARG B 70 -16.82 -3.23 -18.26
C ARG B 70 -16.38 -4.61 -17.72
N VAL B 71 -16.84 -4.97 -16.52
CA VAL B 71 -16.47 -6.25 -15.94
C VAL B 71 -17.31 -7.40 -16.49
N ARG B 72 -16.77 -8.61 -16.40
CA ARG B 72 -17.46 -9.80 -16.88
C ARG B 72 -17.92 -10.62 -15.66
N TYR B 73 -16.95 -11.08 -14.87
CA TYR B 73 -17.26 -11.85 -13.68
C TYR B 73 -17.88 -10.96 -12.60
N THR B 74 -18.97 -11.45 -12.00
CA THR B 74 -19.65 -10.75 -10.91
C THR B 74 -20.04 -11.83 -9.91
N ASN B 75 -20.24 -11.44 -8.66
CA ASN B 75 -20.62 -12.42 -7.64
C ASN B 75 -21.61 -11.78 -6.67
N TRP B 76 -22.63 -11.13 -7.24
CA TRP B 76 -23.66 -10.44 -6.47
C TRP B 76 -24.37 -11.28 -5.43
N ASN B 77 -24.62 -10.68 -4.28
CA ASN B 77 -25.36 -11.33 -3.20
C ASN B 77 -26.79 -11.40 -3.72
N GLU B 78 -27.58 -12.36 -3.26
CA GLU B 78 -28.96 -12.47 -3.72
C GLU B 78 -29.69 -11.15 -3.42
N GLY B 79 -30.41 -10.65 -4.42
CA GLY B 79 -31.14 -9.40 -4.26
C GLY B 79 -30.34 -8.19 -4.76
N GLU B 80 -29.05 -8.40 -4.99
CA GLU B 80 -28.17 -7.33 -5.46
C GLU B 80 -27.82 -7.50 -6.93
N PRO B 81 -27.52 -6.39 -7.63
CA PRO B 81 -27.49 -5.03 -7.10
C PRO B 81 -28.90 -4.44 -7.10
N ASN B 82 -29.23 -3.68 -6.06
CA ASN B 82 -30.56 -3.09 -5.96
C ASN B 82 -30.61 -1.55 -6.01
N ASN B 83 -29.45 -0.90 -6.09
CA ASN B 83 -29.38 0.56 -6.17
C ASN B 83 -30.36 1.28 -5.23
N VAL B 84 -30.38 0.91 -3.96
CA VAL B 84 -31.30 1.52 -2.99
C VAL B 84 -31.18 3.03 -2.77
N GLY B 85 -32.32 3.65 -2.45
CA GLY B 85 -32.37 5.07 -2.17
C GLY B 85 -31.88 5.99 -3.27
N SER B 86 -31.11 7.00 -2.88
CA SER B 86 -30.57 7.97 -3.82
C SER B 86 -29.58 7.30 -4.77
N GLY B 87 -29.36 6.01 -4.56
CA GLY B 87 -28.46 5.27 -5.43
C GLY B 87 -27.23 4.71 -4.75
N GLU B 88 -26.78 3.57 -5.25
CA GLU B 88 -25.59 2.89 -4.76
C GLU B 88 -24.81 2.56 -6.02
N ASN B 89 -23.70 3.25 -6.23
CA ASN B 89 -22.91 3.02 -7.43
C ASN B 89 -21.52 2.45 -7.22
N CYS B 90 -21.22 2.02 -6.00
CA CYS B 90 -19.94 1.41 -5.69
C CYS B 90 -20.22 -0.01 -5.23
N VAL B 91 -19.18 -0.83 -5.13
CA VAL B 91 -19.35 -2.22 -4.78
C VAL B 91 -18.42 -2.67 -3.67
N VAL B 92 -18.95 -3.47 -2.74
CA VAL B 92 -18.17 -4.01 -1.64
C VAL B 92 -18.29 -5.53 -1.63
N LEU B 93 -17.26 -6.17 -1.12
CA LEU B 93 -17.25 -7.62 -0.99
C LEU B 93 -17.70 -7.90 0.46
N LEU B 94 -18.84 -8.56 0.62
CA LEU B 94 -19.36 -8.88 1.94
C LEU B 94 -18.49 -9.96 2.58
N THR B 95 -18.70 -10.22 3.87
CA THR B 95 -17.91 -11.23 4.57
C THR B 95 -18.16 -12.66 4.11
N ASN B 96 -19.18 -12.88 3.28
CA ASN B 96 -19.45 -14.22 2.77
C ASN B 96 -18.89 -14.31 1.35
N GLY B 97 -18.19 -13.25 0.92
CA GLY B 97 -17.61 -13.25 -0.41
C GLY B 97 -18.52 -12.76 -1.53
N LYS B 98 -19.81 -12.58 -1.23
CA LYS B 98 -20.76 -12.08 -2.23
C LYS B 98 -20.66 -10.57 -2.28
N TRP B 99 -21.13 -9.96 -3.38
CA TRP B 99 -21.06 -8.52 -3.51
C TRP B 99 -22.38 -7.78 -3.23
N ASN B 100 -22.25 -6.50 -2.91
CA ASN B 100 -23.40 -5.64 -2.67
C ASN B 100 -23.06 -4.26 -3.19
N ASP B 101 -24.00 -3.60 -3.86
CA ASP B 101 -23.72 -2.25 -4.31
C ASP B 101 -24.03 -1.32 -3.14
N VAL B 102 -23.18 -0.32 -2.93
CA VAL B 102 -23.34 0.62 -1.83
C VAL B 102 -23.03 2.04 -2.29
N PRO B 103 -23.36 3.04 -1.44
CA PRO B 103 -23.07 4.43 -1.80
C PRO B 103 -21.56 4.61 -1.80
N CYS B 104 -21.04 5.25 -2.85
CA CYS B 104 -19.61 5.48 -2.95
C CYS B 104 -19.11 6.37 -1.82
N SER B 105 -20.02 7.13 -1.21
CA SER B 105 -19.65 8.02 -0.13
C SER B 105 -19.56 7.32 1.24
N ASP B 106 -20.04 6.08 1.34
CA ASP B 106 -19.96 5.35 2.61
C ASP B 106 -18.55 4.79 2.82
N SER B 107 -18.17 4.56 4.07
CA SER B 107 -16.82 4.07 4.36
C SER B 107 -16.73 2.57 4.63
N PHE B 108 -15.72 1.94 4.02
CA PHE B 108 -15.48 0.52 4.20
C PHE B 108 -13.98 0.31 4.12
N LEU B 109 -13.55 -0.90 4.44
CA LEU B 109 -12.13 -1.21 4.33
C LEU B 109 -11.89 -1.22 2.83
N VAL B 110 -10.64 -1.25 2.42
CA VAL B 110 -10.31 -1.29 1.01
C VAL B 110 -9.26 -2.38 0.82
N VAL B 111 -9.39 -3.12 -0.28
CA VAL B 111 -8.42 -4.14 -0.60
C VAL B 111 -7.76 -3.60 -1.87
N CYS B 112 -6.44 -3.50 -1.84
CA CYS B 112 -5.70 -2.99 -2.98
C CYS B 112 -5.10 -4.17 -3.74
N GLU B 113 -4.94 -3.98 -5.05
CA GLU B 113 -4.41 -5.00 -5.93
C GLU B 113 -3.13 -4.49 -6.61
N PHE B 114 -2.11 -5.35 -6.64
CA PHE B 114 -0.82 -5.04 -7.23
C PHE B 114 -0.36 -6.21 -8.09
N SER B 115 0.49 -5.92 -9.07
CA SER B 115 1.03 -6.93 -9.97
C SER B 115 2.07 -6.29 -10.89
#